data_5TFM
#
_entry.id   5TFM
#
_cell.length_a   93.407
_cell.length_b   93.407
_cell.length_c   122.386
_cell.angle_alpha   90.00
_cell.angle_beta   90.00
_cell.angle_gamma   120.00
#
_symmetry.space_group_name_H-M   'P 32 1 2'
#
loop_
_entity.id
_entity.type
_entity.pdbx_description
1 polymer Cadherin-23
2 non-polymer 'CALCIUM ION'
3 non-polymer 'SODIUM ION'
4 water water
#
_entity_poly.entity_id   1
_entity_poly.type   'polypeptide(L)'
_entity_poly.pdbx_seq_one_letter_code
;MNVPTFQKDAYVGALRENEPSVTQLVRLRATDEDSPPNNQITYSIVSASAFGSYFDISLYEGYGVISVSRPLDYEQISNG
LIYLTVMAMDAGNPPLNSTVPVTIEVFDENDNPPTFSKPAYFVSVVENIMAGATVLFLNATDLDRSREYGQESIIYSLEG
STQFRINARSGEITTTSLLDRETKSEYILIVRAVDGGVGHNQKTGIATVNITLLDINDNHPTWKDAPYYINLVEMTPPDS
DVTTVVAVDPDLGENGTLVYSIQPPNKFYSLNSTTGKIRTTHAMLDRENPDPHEAELMRKIVVSVTDCGRPPLKATSSAT
VFVNLLDLNDNLEHHHHHH
;
_entity_poly.pdbx_strand_id   A
#
loop_
_chem_comp.id
_chem_comp.type
_chem_comp.name
_chem_comp.formula
CA non-polymer 'CALCIUM ION' 'Ca 2'
NA non-polymer 'SODIUM ION' 'Na 1'
#
# COMPACT_ATOMS: atom_id res chain seq x y z
N ASN A 2 -30.40 55.21 30.15
CA ASN A 2 -29.09 55.85 30.48
C ASN A 2 -27.92 55.29 29.62
N VAL A 3 -27.47 54.07 29.93
CA VAL A 3 -26.43 53.34 29.15
C VAL A 3 -27.12 52.42 28.15
N PRO A 4 -26.67 52.38 26.86
CA PRO A 4 -27.29 51.43 25.91
C PRO A 4 -27.12 49.99 26.39
N THR A 5 -28.23 49.30 26.60
CA THR A 5 -28.17 47.92 27.08
C THR A 5 -28.78 47.00 26.04
N PHE A 6 -27.97 46.06 25.57
CA PHE A 6 -28.45 45.06 24.64
C PHE A 6 -29.55 44.24 25.28
N GLN A 7 -30.48 43.80 24.44
CA GLN A 7 -31.60 42.98 24.88
C GLN A 7 -31.20 41.58 25.30
N LYS A 8 -30.01 41.13 24.91
CA LYS A 8 -29.50 39.83 25.30
C LYS A 8 -28.10 39.92 25.88
N ASP A 9 -27.78 38.93 26.72
CA ASP A 9 -26.45 38.78 27.31
C ASP A 9 -25.39 38.41 26.27
N ALA A 10 -25.83 37.78 25.18
CA ALA A 10 -24.95 37.32 24.09
C ALA A 10 -25.77 37.07 22.80
N TYR A 11 -25.08 37.06 21.65
CA TYR A 11 -25.71 36.83 20.35
C TYR A 11 -24.95 35.76 19.56
N VAL A 12 -25.60 35.26 18.51
CA VAL A 12 -25.12 34.13 17.72
C VAL A 12 -25.52 34.21 16.23
N GLY A 13 -24.72 33.64 15.36
CA GLY A 13 -25.06 33.53 13.94
C GLY A 13 -24.28 32.36 13.36
N ALA A 14 -24.74 31.80 12.25
CA ALA A 14 -24.02 30.68 11.68
C ALA A 14 -24.21 30.53 10.19
N LEU A 15 -23.18 29.99 9.53
CA LEU A 15 -23.18 29.80 8.09
C LEU A 15 -22.15 28.74 7.66
N ARG A 16 -22.34 28.18 6.47
CA ARG A 16 -21.33 27.32 5.89
C ARG A 16 -20.15 28.10 5.37
N GLU A 17 -19.00 27.44 5.28
CA GLU A 17 -17.88 28.00 4.56
C GLU A 17 -18.25 28.07 3.06
N ASN A 18 -17.53 28.93 2.36
CA ASN A 18 -17.64 29.08 0.89
C ASN A 18 -18.98 29.67 0.42
N GLU A 19 -19.68 30.41 1.30
CA GLU A 19 -20.90 31.15 0.93
C GLU A 19 -20.52 32.47 0.31
N PRO A 20 -21.14 32.85 -0.83
CA PRO A 20 -20.80 34.14 -1.47
C PRO A 20 -20.89 35.35 -0.52
N SER A 21 -22.08 35.68 -0.01
CA SER A 21 -22.24 36.63 1.10
C SER A 21 -23.34 36.13 2.03
N VAL A 22 -23.61 36.84 3.13
CA VAL A 22 -24.78 36.52 3.99
C VAL A 22 -25.29 37.78 4.63
N THR A 23 -26.55 38.07 4.33
CA THR A 23 -27.16 39.36 4.63
C THR A 23 -27.58 39.59 6.10
N GLN A 24 -27.68 38.53 6.90
CA GLN A 24 -28.14 38.66 8.28
C GLN A 24 -27.61 37.56 9.19
N LEU A 25 -26.32 37.52 9.43
CA LEU A 25 -25.86 36.59 10.44
C LEU A 25 -26.57 36.82 11.75
N VAL A 26 -26.64 38.08 12.17
CA VAL A 26 -27.11 38.44 13.47
C VAL A 26 -27.85 39.75 13.40
N ARG A 27 -28.90 39.86 14.22
CA ARG A 27 -29.61 41.09 14.49
C ARG A 27 -29.42 41.41 15.97
N LEU A 28 -29.09 42.66 16.28
CA LEU A 28 -28.91 43.11 17.65
C LEU A 28 -29.66 44.40 17.85
N ARG A 29 -29.95 44.70 19.10
CA ARG A 29 -30.57 45.95 19.44
C ARG A 29 -30.31 46.26 20.90
N ALA A 30 -29.85 47.48 21.17
CA ALA A 30 -29.73 48.00 22.52
C ALA A 30 -30.74 49.12 22.63
N THR A 31 -30.97 49.61 23.85
CA THR A 31 -31.97 50.64 24.11
C THR A 31 -31.53 51.63 25.20
N ASP A 32 -31.84 52.92 24.99
CA ASP A 32 -31.50 54.01 25.91
C ASP A 32 -32.82 54.63 26.32
N GLU A 33 -33.02 54.84 27.63
CA GLU A 33 -34.25 55.52 28.12
C GLU A 33 -34.33 57.01 27.71
N ASP A 34 -33.20 57.59 27.28
CA ASP A 34 -33.02 59.05 27.11
C ASP A 34 -33.71 59.60 25.84
N GLN A 40 -30.35 57.73 18.02
CA GLN A 40 -29.42 57.79 19.14
C GLN A 40 -28.25 56.80 19.01
N ILE A 41 -28.60 55.51 18.86
CA ILE A 41 -27.63 54.42 19.03
C ILE A 41 -26.92 54.04 17.74
N THR A 42 -25.61 53.82 17.88
CA THR A 42 -24.70 53.45 16.82
C THR A 42 -24.03 52.15 17.22
N TYR A 43 -24.01 51.19 16.29
CA TYR A 43 -23.41 49.88 16.53
C TYR A 43 -22.10 49.73 15.75
N SER A 44 -21.13 49.07 16.36
CA SER A 44 -19.80 48.89 15.76
C SER A 44 -19.23 47.54 16.14
N ILE A 45 -18.43 46.96 15.24
CA ILE A 45 -17.71 45.74 15.52
C ILE A 45 -16.37 46.22 15.99
N VAL A 46 -16.04 45.83 17.21
CA VAL A 46 -14.91 46.34 17.93
C VAL A 46 -13.81 45.29 18.07
N SER A 47 -14.13 44.04 17.77
CA SER A 47 -13.20 42.92 17.89
C SER A 47 -13.61 41.82 16.94
N ALA A 48 -12.68 40.94 16.62
CA ALA A 48 -12.95 39.83 15.73
C ALA A 48 -11.86 38.82 15.89
N SER A 49 -12.17 37.58 16.25
CA SER A 49 -11.11 36.55 16.40
C SER A 49 -10.32 36.35 15.09
N ALA A 50 -11.02 36.50 13.94
CA ALA A 50 -10.40 36.36 12.64
C ALA A 50 -11.26 36.93 11.51
N PHE A 51 -10.62 37.31 10.41
CA PHE A 51 -11.31 37.78 9.20
C PHE A 51 -12.27 38.90 9.46
N GLY A 52 -11.86 39.82 10.34
CA GLY A 52 -12.63 41.01 10.65
C GLY A 52 -13.09 41.75 9.41
N SER A 53 -12.16 41.97 8.47
CA SER A 53 -12.47 42.63 7.20
C SER A 53 -13.71 42.08 6.47
N TYR A 54 -14.02 40.80 6.67
CA TYR A 54 -15.11 40.17 5.96
C TYR A 54 -16.47 40.54 6.55
N PHE A 55 -16.50 41.04 7.78
CA PHE A 55 -17.75 41.35 8.47
C PHE A 55 -18.08 42.83 8.46
N ASP A 56 -19.37 43.13 8.45
CA ASP A 56 -19.86 44.49 8.40
C ASP A 56 -21.15 44.57 9.22
N ILE A 57 -21.39 45.75 9.80
CA ILE A 57 -22.58 45.98 10.57
C ILE A 57 -23.23 47.26 10.08
N SER A 58 -24.56 47.24 10.07
CA SER A 58 -25.38 48.26 9.46
C SER A 58 -26.62 48.48 10.31
N LEU A 59 -27.21 49.66 10.24
CA LEU A 59 -28.42 49.95 11.02
C LEU A 59 -29.65 49.81 10.13
N TYR A 60 -30.40 48.72 10.31
CA TYR A 60 -31.59 48.45 9.52
C TYR A 60 -32.81 48.28 10.42
N GLU A 61 -33.84 49.10 10.20
CA GLU A 61 -35.09 49.07 10.96
C GLU A 61 -34.85 48.99 12.47
N GLY A 62 -33.99 49.86 13.00
CA GLY A 62 -33.75 49.92 14.45
C GLY A 62 -32.84 48.86 15.05
N TYR A 63 -32.39 47.92 14.22
CA TYR A 63 -31.54 46.81 14.62
C TYR A 63 -30.16 46.96 14.01
N GLY A 64 -29.15 46.66 14.80
CA GLY A 64 -27.79 46.57 14.31
C GLY A 64 -27.67 45.18 13.73
N VAL A 65 -27.34 45.11 12.43
CA VAL A 65 -27.41 43.87 11.67
C VAL A 65 -26.07 43.51 11.08
N ILE A 66 -25.50 42.42 11.57
CA ILE A 66 -24.23 41.94 11.07
C ILE A 66 -24.41 41.14 9.79
N SER A 67 -23.48 41.37 8.86
CA SER A 67 -23.43 40.64 7.61
C SER A 67 -21.99 40.24 7.32
N VAL A 68 -21.82 39.36 6.34
CA VAL A 68 -20.50 38.94 5.91
C VAL A 68 -20.52 38.94 4.40
N SER A 69 -19.49 39.53 3.80
CA SER A 69 -19.46 39.88 2.38
C SER A 69 -18.65 38.96 1.49
N ARG A 70 -17.66 38.27 2.06
CA ARG A 70 -16.87 37.27 1.36
C ARG A 70 -17.14 35.89 1.92
N PRO A 71 -16.81 34.87 1.15
CA PRO A 71 -16.85 33.52 1.68
C PRO A 71 -15.73 33.28 2.69
N LEU A 72 -16.01 32.41 3.65
CA LEU A 72 -14.99 32.04 4.62
C LEU A 72 -14.48 30.64 4.31
N ASP A 73 -13.30 30.33 4.85
CA ASP A 73 -12.66 29.03 4.70
C ASP A 73 -12.59 28.38 6.06
N TYR A 74 -13.33 27.29 6.24
CA TYR A 74 -13.35 26.55 7.51
C TYR A 74 -11.95 26.11 7.91
N GLU A 75 -11.16 25.77 6.90
CA GLU A 75 -9.83 25.23 7.10
C GLU A 75 -8.83 26.29 7.57
N GLN A 76 -9.17 27.57 7.47
CA GLN A 76 -8.38 28.66 8.04
C GLN A 76 -8.92 29.22 9.37
N ILE A 77 -9.80 28.49 10.04
CA ILE A 77 -10.39 28.97 11.30
C ILE A 77 -10.25 27.91 12.36
N SER A 78 -9.75 28.29 13.53
CA SER A 78 -9.62 27.33 14.63
C SER A 78 -10.98 27.12 15.28
N ASN A 79 -11.36 25.85 15.34
CA ASN A 79 -12.51 25.40 16.11
C ASN A 79 -13.88 25.76 15.55
N GLY A 80 -13.94 26.20 14.30
CA GLY A 80 -15.21 26.52 13.66
C GLY A 80 -15.90 27.79 14.15
N LEU A 81 -15.21 28.60 14.94
CA LEU A 81 -15.82 29.72 15.62
C LEU A 81 -15.08 31.01 15.39
N ILE A 82 -15.86 32.05 15.15
CA ILE A 82 -15.32 33.39 15.11
C ILE A 82 -16.07 34.18 16.19
N TYR A 83 -15.30 34.87 17.01
CA TYR A 83 -15.84 35.63 18.11
C TYR A 83 -15.73 37.10 17.80
N LEU A 84 -16.86 37.78 17.79
CA LEU A 84 -16.87 39.22 17.62
C LEU A 84 -17.33 39.87 18.90
N THR A 85 -16.99 41.15 19.03
CA THR A 85 -17.55 41.98 20.08
C THR A 85 -18.23 43.17 19.42
N VAL A 86 -19.50 43.39 19.75
CA VAL A 86 -20.26 44.52 19.21
C VAL A 86 -20.48 45.57 20.29
N MET A 87 -20.43 46.84 19.90
CA MET A 87 -20.58 47.94 20.82
C MET A 87 -21.69 48.87 20.37
N ALA A 88 -22.64 49.09 21.27
CA ALA A 88 -23.67 50.11 21.09
C ALA A 88 -23.20 51.36 21.81
N MET A 89 -23.43 52.51 21.19
CA MET A 89 -22.99 53.77 21.74
C MET A 89 -23.99 54.86 21.39
N ASP A 90 -24.38 55.64 22.39
CA ASP A 90 -25.39 56.70 22.19
C ASP A 90 -24.74 57.94 21.62
N ALA A 91 -25.53 58.97 21.36
CA ALA A 91 -25.01 60.26 20.88
C ALA A 91 -24.63 61.18 22.04
N GLY A 92 -24.16 60.62 23.15
CA GLY A 92 -23.90 61.40 24.34
C GLY A 92 -22.58 62.11 24.28
N ASN A 93 -22.44 63.14 25.10
CA ASN A 93 -21.20 63.90 25.27
C ASN A 93 -20.87 64.02 26.76
N PRO A 94 -19.97 63.18 27.31
CA PRO A 94 -19.31 62.05 26.60
C PRO A 94 -20.28 60.94 26.24
N PRO A 95 -19.94 60.11 25.25
CA PRO A 95 -20.85 59.02 24.88
C PRO A 95 -20.78 57.88 25.88
N LEU A 96 -21.86 57.09 25.93
CA LEU A 96 -21.93 55.93 26.76
C LEU A 96 -22.03 54.74 25.85
N ASN A 97 -21.37 53.64 26.25
CA ASN A 97 -21.42 52.41 25.48
C ASN A 97 -21.71 51.18 26.32
N SER A 98 -21.85 50.08 25.61
CA SER A 98 -21.94 48.76 26.21
C SER A 98 -21.49 47.80 25.12
N THR A 99 -20.83 46.71 25.49
CA THR A 99 -20.42 45.68 24.51
C THR A 99 -21.16 44.38 24.73
N VAL A 100 -21.02 43.46 23.79
CA VAL A 100 -21.68 42.17 23.89
C VAL A 100 -20.95 41.17 22.99
N PRO A 101 -20.82 39.91 23.46
CA PRO A 101 -20.19 38.93 22.60
C PRO A 101 -21.15 38.41 21.52
N VAL A 102 -20.60 38.22 20.34
CA VAL A 102 -21.28 37.54 19.28
C VAL A 102 -20.39 36.37 18.95
N THR A 103 -21.04 35.26 18.61
CA THR A 103 -20.36 34.05 18.21
C THR A 103 -20.88 33.64 16.84
N ILE A 104 -19.96 33.52 15.89
CA ILE A 104 -20.25 33.07 14.55
C ILE A 104 -19.71 31.66 14.39
N GLU A 105 -20.63 30.70 14.27
CA GLU A 105 -20.24 29.33 13.94
C GLU A 105 -20.10 29.20 12.43
N VAL A 106 -18.95 28.72 11.97
CA VAL A 106 -18.79 28.32 10.58
C VAL A 106 -18.87 26.80 10.49
N PHE A 107 -19.66 26.31 9.53
CA PHE A 107 -19.82 24.89 9.30
C PHE A 107 -18.81 24.45 8.25
N ASP A 108 -18.25 23.25 8.41
CA ASP A 108 -17.31 22.73 7.44
C ASP A 108 -18.07 22.15 6.25
N GLU A 109 -17.52 22.36 5.07
CA GLU A 109 -18.02 21.77 3.84
C GLU A 109 -16.93 20.80 3.47
N ASN A 110 -17.28 19.72 2.80
CA ASN A 110 -16.27 18.75 2.40
C ASN A 110 -15.67 19.21 1.09
N ASP A 111 -14.75 20.17 1.18
CA ASP A 111 -14.12 20.77 0.00
C ASP A 111 -12.65 20.40 -0.14
N ASN A 112 -12.26 19.23 0.37
CA ASN A 112 -10.90 18.71 0.19
C ASN A 112 -10.89 17.21 0.06
N PRO A 113 -10.19 16.68 -0.96
CA PRO A 113 -10.14 15.26 -1.19
C PRO A 113 -8.98 14.58 -0.46
N PRO A 114 -9.14 13.29 -0.10
CA PRO A 114 -7.99 12.51 0.35
C PRO A 114 -6.96 12.38 -0.76
N THR A 115 -5.69 12.50 -0.40
CA THR A 115 -4.58 12.40 -1.35
C THR A 115 -3.44 11.56 -0.79
N PHE A 116 -2.64 11.06 -1.72
CA PHE A 116 -1.49 10.25 -1.39
C PHE A 116 -0.24 10.98 -1.82
N SER A 117 0.85 10.66 -1.16
CA SER A 117 2.12 11.27 -1.51
C SER A 117 2.51 10.90 -2.94
N LYS A 118 2.23 9.67 -3.33
CA LYS A 118 2.54 9.22 -4.67
C LYS A 118 1.34 8.56 -5.32
N PRO A 119 1.25 8.63 -6.66
CA PRO A 119 0.23 7.87 -7.39
C PRO A 119 0.50 6.36 -7.47
N ALA A 120 1.76 5.95 -7.31
CA ALA A 120 2.13 4.55 -7.36
C ALA A 120 3.23 4.27 -6.39
N TYR A 121 3.08 3.20 -5.64
CA TYR A 121 4.09 2.78 -4.70
C TYR A 121 4.61 1.45 -5.17
N PHE A 122 5.87 1.20 -4.82
CA PHE A 122 6.60 0.02 -5.25
C PHE A 122 7.28 -0.63 -4.06
N VAL A 123 6.96 -1.90 -3.82
CA VAL A 123 7.50 -2.63 -2.67
C VAL A 123 7.92 -4.05 -3.03
N SER A 124 9.07 -4.45 -2.50
CA SER A 124 9.59 -5.79 -2.73
C SER A 124 9.51 -6.55 -1.44
N VAL A 125 9.31 -7.86 -1.55
CA VAL A 125 9.11 -8.69 -0.38
C VAL A 125 9.48 -10.15 -0.64
N VAL A 126 10.22 -10.75 0.28
CA VAL A 126 10.59 -12.15 0.15
C VAL A 126 9.33 -13.03 0.10
N GLU A 127 9.35 -14.04 -0.75
CA GLU A 127 8.17 -14.88 -1.02
C GLU A 127 7.65 -15.69 0.18
N ASN A 128 8.51 -15.94 1.17
CA ASN A 128 8.13 -16.68 2.38
C ASN A 128 7.73 -15.72 3.48
N ILE A 129 6.90 -14.74 3.17
CA ILE A 129 6.54 -13.73 4.14
C ILE A 129 5.48 -14.37 5.04
N MET A 130 5.56 -14.06 6.34
CA MET A 130 4.71 -14.69 7.35
C MET A 130 3.32 -14.17 7.14
N ALA A 131 2.35 -15.07 6.88
CA ALA A 131 0.96 -14.66 6.61
C ALA A 131 0.52 -13.66 7.69
N GLY A 132 0.12 -12.47 7.26
CA GLY A 132 -0.29 -11.38 8.15
C GLY A 132 0.74 -10.32 8.53
N ALA A 133 1.91 -10.33 7.89
CA ALA A 133 2.96 -9.37 8.21
C ALA A 133 2.79 -8.07 7.44
N THR A 134 3.52 -7.05 7.91
CA THR A 134 3.46 -5.70 7.37
C THR A 134 4.06 -5.66 5.99
N VAL A 135 3.22 -5.60 4.96
CA VAL A 135 3.67 -5.37 3.60
C VAL A 135 4.06 -3.89 3.43
N LEU A 136 3.16 -2.97 3.83
CA LEU A 136 3.38 -1.53 3.59
C LEU A 136 2.43 -0.61 4.36
N PHE A 137 2.99 0.36 5.06
CA PHE A 137 2.21 1.46 5.67
C PHE A 137 1.81 2.49 4.61
N LEU A 138 0.51 2.76 4.48
CA LEU A 138 0.03 3.87 3.64
C LEU A 138 -0.65 4.96 4.43
N ASN A 139 -0.60 6.15 3.86
CA ASN A 139 -0.97 7.34 4.57
C ASN A 139 -1.57 8.32 3.59
N ALA A 140 -2.90 8.45 3.64
CA ALA A 140 -3.58 9.48 2.88
C ALA A 140 -3.74 10.70 3.77
N THR A 141 -3.89 11.85 3.13
CA THR A 141 -4.06 13.10 3.83
C THR A 141 -5.30 13.77 3.27
N ASP A 142 -6.23 14.10 4.17
CA ASP A 142 -7.39 14.90 3.81
C ASP A 142 -7.27 16.18 4.62
N LEU A 143 -7.29 17.30 3.90
CA LEU A 143 -7.08 18.62 4.48
C LEU A 143 -8.30 19.30 5.11
N ASP A 144 -9.50 18.75 5.00
CA ASP A 144 -10.62 19.41 5.66
C ASP A 144 -10.32 19.40 7.16
N ARG A 145 -10.70 20.47 7.84
CA ARG A 145 -10.32 20.63 9.23
C ARG A 145 -11.19 19.78 10.15
N SER A 146 -12.50 19.70 9.89
CA SER A 146 -13.40 18.94 10.78
C SER A 146 -13.12 17.46 10.76
N ARG A 147 -13.44 16.78 11.86
CA ARG A 147 -13.23 15.33 11.95
C ARG A 147 -14.20 14.54 11.08
N GLU A 148 -15.33 15.16 10.74
CA GLU A 148 -16.34 14.55 9.88
C GLU A 148 -15.89 14.44 8.43
N TYR A 149 -15.21 15.46 7.92
CA TYR A 149 -14.86 15.52 6.52
C TYR A 149 -13.35 15.45 6.22
N GLY A 150 -12.51 15.48 7.24
CA GLY A 150 -11.07 15.60 7.07
C GLY A 150 -10.35 14.32 7.42
N GLN A 151 -9.17 14.48 8.02
CA GLN A 151 -8.29 13.36 8.32
C GLN A 151 -8.98 12.20 9.04
N GLU A 152 -9.65 12.48 10.15
CA GLU A 152 -10.23 11.40 10.99
C GLU A 152 -11.22 10.47 10.22
N SER A 153 -11.82 11.01 9.16
CA SER A 153 -12.88 10.35 8.42
C SER A 153 -12.43 9.38 7.36
N ILE A 154 -11.11 9.23 7.15
CA ILE A 154 -10.60 8.45 6.02
C ILE A 154 -10.75 6.94 6.22
N ILE A 155 -11.34 6.28 5.22
CA ILE A 155 -11.47 4.83 5.19
C ILE A 155 -10.73 4.26 3.98
N TYR A 156 -9.74 3.44 4.27
CA TYR A 156 -8.95 2.79 3.25
C TYR A 156 -9.64 1.51 2.78
N SER A 157 -9.50 1.27 1.47
CA SER A 157 -10.07 0.13 0.77
CA SER A 157 -10.08 0.14 0.76
C SER A 157 -9.00 -0.42 -0.18
N LEU A 158 -9.09 -1.70 -0.54
CA LEU A 158 -8.05 -2.30 -1.39
C LEU A 158 -8.57 -3.32 -2.38
N GLU A 159 -8.21 -3.17 -3.65
CA GLU A 159 -8.72 -4.01 -4.75
C GLU A 159 -7.56 -4.70 -5.45
N GLY A 160 -7.75 -5.96 -5.83
CA GLY A 160 -6.72 -6.69 -6.58
C GLY A 160 -6.70 -8.18 -6.34
N SER A 161 -5.97 -8.60 -5.31
CA SER A 161 -5.80 -10.02 -4.96
C SER A 161 -6.32 -10.25 -3.56
N THR A 162 -7.09 -11.34 -3.40
CA THR A 162 -7.61 -11.78 -2.10
C THR A 162 -6.48 -12.11 -1.12
N GLN A 163 -5.28 -12.34 -1.67
CA GLN A 163 -4.10 -12.60 -0.85
C GLN A 163 -3.58 -11.41 -0.06
N PHE A 164 -4.12 -10.23 -0.33
CA PHE A 164 -3.78 -9.06 0.45
C PHE A 164 -5.01 -8.36 0.96
N ARG A 165 -4.82 -7.60 2.04
CA ARG A 165 -5.88 -6.87 2.68
C ARG A 165 -5.33 -5.65 3.42
N ILE A 166 -6.14 -4.62 3.51
CA ILE A 166 -5.71 -3.35 4.08
C ILE A 166 -6.50 -3.08 5.34
N ASN A 167 -5.86 -2.45 6.30
CA ASN A 167 -6.52 -2.03 7.52
C ASN A 167 -7.28 -0.75 7.22
N ALA A 168 -8.59 -0.76 7.44
CA ALA A 168 -9.46 0.32 6.98
C ALA A 168 -9.25 1.67 7.65
N ARG A 169 -8.71 1.70 8.88
CA ARG A 169 -8.47 2.98 9.55
C ARG A 169 -7.02 3.49 9.37
N SER A 170 -6.03 2.59 9.51
CA SER A 170 -4.59 2.97 9.50
C SER A 170 -3.88 2.83 8.16
N GLY A 171 -4.49 2.12 7.22
CA GLY A 171 -3.93 1.92 5.89
C GLY A 171 -2.75 0.96 5.82
N GLU A 172 -2.55 0.15 6.85
CA GLU A 172 -1.43 -0.79 6.92
C GLU A 172 -1.83 -2.08 6.16
N ILE A 173 -1.09 -2.38 5.09
CA ILE A 173 -1.39 -3.50 4.18
C ILE A 173 -0.74 -4.77 4.69
N THR A 174 -1.44 -5.87 4.50
CA THR A 174 -1.08 -7.12 5.14
C THR A 174 -1.46 -8.29 4.23
N THR A 175 -0.82 -9.42 4.50
CA THR A 175 -1.06 -10.65 3.77
C THR A 175 -2.18 -11.54 4.38
N THR A 176 -2.89 -12.21 3.47
CA THR A 176 -3.93 -13.19 3.77
C THR A 176 -3.35 -14.60 3.86
N SER A 177 -2.14 -14.81 3.33
CA SER A 177 -1.58 -16.16 3.24
C SER A 177 -0.07 -16.19 2.98
N LEU A 178 0.43 -17.41 2.81
CA LEU A 178 1.76 -17.67 2.33
C LEU A 178 1.71 -17.42 0.84
N LEU A 179 2.79 -16.88 0.30
CA LEU A 179 2.86 -16.51 -1.10
C LEU A 179 3.68 -17.55 -1.83
N ASP A 180 3.87 -17.34 -3.13
CA ASP A 180 4.64 -18.25 -3.94
C ASP A 180 5.13 -17.62 -5.25
N ARG A 181 6.38 -17.16 -5.25
CA ARG A 181 6.99 -16.56 -6.45
C ARG A 181 6.87 -17.46 -7.68
N GLU A 182 6.95 -18.77 -7.45
CA GLU A 182 6.91 -19.74 -8.52
C GLU A 182 5.53 -19.89 -9.20
N THR A 183 4.49 -19.22 -8.71
CA THR A 183 3.20 -19.15 -9.44
C THR A 183 2.59 -17.76 -9.56
N LYS A 184 2.93 -16.84 -8.66
CA LYS A 184 2.60 -15.44 -8.85
C LYS A 184 3.78 -14.62 -8.37
N SER A 185 4.37 -13.93 -9.34
CA SER A 185 5.62 -13.20 -9.21
C SER A 185 5.37 -11.77 -8.78
N GLU A 186 4.34 -11.15 -9.37
CA GLU A 186 3.98 -9.73 -9.12
C GLU A 186 2.48 -9.46 -9.01
N TYR A 187 2.15 -8.34 -8.36
CA TYR A 187 0.76 -7.89 -8.14
C TYR A 187 0.62 -6.39 -8.28
N ILE A 188 -0.51 -5.97 -8.88
CA ILE A 188 -0.86 -4.54 -8.96
C ILE A 188 -2.19 -4.38 -8.22
N LEU A 189 -2.14 -3.62 -7.13
CA LEU A 189 -3.29 -3.42 -6.29
C LEU A 189 -3.73 -1.96 -6.34
N ILE A 190 -5.02 -1.71 -6.14
CA ILE A 190 -5.53 -0.36 -6.10
C ILE A 190 -6.02 -0.03 -4.71
N VAL A 191 -5.56 1.10 -4.20
CA VAL A 191 -5.91 1.57 -2.88
C VAL A 191 -6.79 2.81 -2.97
N ARG A 192 -7.95 2.75 -2.36
CA ARG A 192 -8.86 3.87 -2.28
C ARG A 192 -8.83 4.40 -0.86
N ALA A 193 -8.66 5.71 -0.70
CA ALA A 193 -8.98 6.40 0.56
C ALA A 193 -10.27 7.15 0.28
N VAL A 194 -11.23 7.15 1.22
CA VAL A 194 -12.46 7.97 1.07
C VAL A 194 -12.81 8.74 2.35
N ASP A 195 -13.37 9.94 2.19
CA ASP A 195 -13.67 10.77 3.34
C ASP A 195 -15.11 10.62 3.77
N GLY A 196 -15.50 11.37 4.77
CA GLY A 196 -16.83 11.28 5.36
C GLY A 196 -17.92 12.06 4.68
N GLY A 197 -17.65 12.59 3.48
CA GLY A 197 -18.70 13.18 2.64
C GLY A 197 -19.73 12.13 2.29
N VAL A 198 -20.96 12.56 2.00
CA VAL A 198 -22.06 11.62 1.76
C VAL A 198 -22.58 11.81 0.35
N GLY A 199 -22.79 10.69 -0.35
CA GLY A 199 -23.31 10.70 -1.69
C GLY A 199 -22.29 11.26 -2.64
N HIS A 200 -22.68 12.25 -3.45
CA HIS A 200 -21.81 12.82 -4.47
C HIS A 200 -20.70 13.70 -3.89
N ASN A 201 -20.86 14.14 -2.64
CA ASN A 201 -19.85 14.96 -1.96
C ASN A 201 -18.77 14.17 -1.24
N GLN A 202 -18.93 12.86 -1.17
CA GLN A 202 -17.83 12.01 -0.77
C GLN A 202 -16.71 12.12 -1.80
N LYS A 203 -15.47 12.19 -1.33
CA LYS A 203 -14.32 12.32 -2.21
C LYS A 203 -13.38 11.21 -1.92
N THR A 204 -12.55 10.90 -2.90
CA THR A 204 -11.77 9.70 -2.87
C THR A 204 -10.36 9.92 -3.45
N GLY A 205 -9.37 9.30 -2.83
CA GLY A 205 -7.99 9.34 -3.31
C GLY A 205 -7.62 7.95 -3.77
N ILE A 206 -6.71 7.86 -4.75
CA ILE A 206 -6.31 6.58 -5.30
C ILE A 206 -4.81 6.43 -5.51
N ALA A 207 -4.30 5.22 -5.31
CA ALA A 207 -2.92 4.93 -5.63
C ALA A 207 -2.75 3.45 -5.96
N THR A 208 -1.85 3.14 -6.87
CA THR A 208 -1.53 1.77 -7.14
C THR A 208 -0.42 1.37 -6.15
N VAL A 209 -0.35 0.06 -5.88
CA VAL A 209 0.75 -0.54 -5.13
C VAL A 209 1.21 -1.74 -5.90
N ASN A 210 2.47 -1.69 -6.31
CA ASN A 210 3.02 -2.70 -7.19
C ASN A 210 3.99 -3.48 -6.34
N ILE A 211 3.70 -4.78 -6.22
CA ILE A 211 4.43 -5.70 -5.35
C ILE A 211 5.22 -6.73 -6.14
N THR A 212 6.49 -6.88 -5.79
CA THR A 212 7.37 -7.86 -6.41
C THR A 212 7.84 -8.84 -5.35
N LEU A 213 7.81 -10.13 -5.71
CA LEU A 213 8.25 -11.19 -4.80
C LEU A 213 9.69 -11.56 -5.06
N LEU A 214 10.53 -11.43 -4.03
CA LEU A 214 11.94 -11.82 -4.11
C LEU A 214 12.08 -13.32 -3.84
N ASP A 215 12.96 -13.97 -4.59
CA ASP A 215 13.09 -15.41 -4.56
C ASP A 215 13.83 -15.95 -3.33
N ILE A 216 13.27 -17.02 -2.80
CA ILE A 216 13.90 -17.83 -1.79
C ILE A 216 14.22 -19.15 -2.46
N ASN A 217 15.26 -19.81 -1.98
CA ASN A 217 15.59 -21.15 -2.43
C ASN A 217 14.64 -22.09 -1.68
N ASP A 218 13.41 -22.22 -2.18
CA ASP A 218 12.34 -22.97 -1.50
C ASP A 218 11.86 -24.19 -2.32
N ASN A 219 12.68 -24.60 -3.29
CA ASN A 219 12.39 -25.72 -4.20
C ASN A 219 13.61 -26.61 -4.39
N HIS A 220 13.37 -27.92 -4.31
CA HIS A 220 14.38 -28.92 -4.62
C HIS A 220 14.41 -29.18 -6.10
N PRO A 221 15.60 -29.51 -6.64
CA PRO A 221 15.62 -30.06 -7.97
C PRO A 221 14.80 -31.35 -8.00
N THR A 222 14.15 -31.62 -9.11
CA THR A 222 13.41 -32.88 -9.29
C THR A 222 13.64 -33.39 -10.71
N TRP A 223 13.67 -34.72 -10.85
CA TRP A 223 14.06 -35.35 -12.13
C TRP A 223 12.96 -35.44 -13.18
N LYS A 224 13.30 -35.02 -14.39
CA LYS A 224 12.42 -35.05 -15.54
C LYS A 224 12.68 -36.36 -16.32
N ASP A 225 11.67 -37.22 -16.43
CA ASP A 225 11.74 -38.45 -17.24
C ASP A 225 12.72 -39.52 -16.74
N ALA A 226 12.83 -39.61 -15.42
CA ALA A 226 13.61 -40.65 -14.75
C ALA A 226 12.65 -41.76 -14.26
N PRO A 227 13.10 -43.01 -14.20
CA PRO A 227 14.45 -43.43 -14.55
C PRO A 227 14.62 -43.51 -16.07
N TYR A 228 15.85 -43.29 -16.52
CA TYR A 228 16.19 -43.25 -17.94
C TYR A 228 16.65 -44.61 -18.48
N TYR A 229 16.20 -44.94 -19.68
CA TYR A 229 16.55 -46.18 -20.36
C TYR A 229 17.27 -45.83 -21.66
N ILE A 230 18.52 -46.26 -21.79
CA ILE A 230 19.30 -46.10 -23.02
C ILE A 230 19.76 -47.49 -23.53
N ASN A 231 19.85 -47.62 -24.85
CA ASN A 231 20.54 -48.74 -25.50
C ASN A 231 21.87 -48.21 -26.00
N LEU A 232 22.93 -48.93 -25.73
CA LEU A 232 24.26 -48.52 -26.15
C LEU A 232 25.08 -49.73 -26.61
N VAL A 233 25.78 -49.58 -27.71
CA VAL A 233 26.55 -50.68 -28.30
C VAL A 233 27.77 -51.08 -27.42
N GLU A 234 28.15 -52.35 -27.49
CA GLU A 234 29.35 -52.90 -26.80
C GLU A 234 30.60 -52.17 -27.32
N MET A 235 31.67 -52.13 -26.55
CA MET A 235 32.98 -51.64 -27.02
C MET A 235 32.97 -50.30 -27.77
N THR A 236 32.03 -49.43 -27.45
CA THR A 236 31.96 -48.12 -28.10
C THR A 236 33.19 -47.30 -27.71
N PRO A 237 33.70 -46.45 -28.63
CA PRO A 237 34.90 -45.65 -28.34
C PRO A 237 34.83 -44.79 -27.08
N PRO A 238 35.99 -44.37 -26.55
CA PRO A 238 35.99 -43.28 -25.58
C PRO A 238 35.35 -42.00 -26.13
N ASP A 239 34.79 -41.19 -25.24
CA ASP A 239 34.13 -39.91 -25.58
C ASP A 239 32.82 -39.99 -26.39
N SER A 240 32.29 -41.19 -26.64
CA SER A 240 31.03 -41.35 -27.40
C SER A 240 29.88 -40.87 -26.54
N ASP A 241 28.95 -40.12 -27.13
CA ASP A 241 27.81 -39.60 -26.38
C ASP A 241 26.94 -40.75 -25.89
N VAL A 242 26.42 -40.65 -24.67
CA VAL A 242 25.64 -41.75 -24.07
C VAL A 242 24.16 -41.35 -23.94
N THR A 243 23.90 -40.37 -23.07
CA THR A 243 22.56 -39.80 -22.90
C THR A 243 22.66 -38.55 -22.05
N THR A 244 21.58 -37.78 -22.00
CA THR A 244 21.55 -36.56 -21.20
C THR A 244 20.53 -36.74 -20.08
N VAL A 245 20.94 -36.40 -18.87
CA VAL A 245 20.05 -36.37 -17.71
C VAL A 245 19.61 -34.94 -17.38
N VAL A 246 18.45 -34.84 -16.74
CA VAL A 246 17.81 -33.56 -16.50
C VAL A 246 16.98 -33.54 -15.24
N ALA A 247 17.25 -32.53 -14.43
CA ALA A 247 16.41 -32.15 -13.31
C ALA A 247 15.86 -30.74 -13.58
N VAL A 248 14.92 -30.30 -12.74
CA VAL A 248 14.33 -28.95 -12.84
C VAL A 248 14.15 -28.28 -11.49
N ASP A 249 14.64 -27.05 -11.41
CA ASP A 249 14.50 -26.24 -10.23
C ASP A 249 13.91 -24.92 -10.74
N PRO A 250 12.68 -24.61 -10.30
CA PRO A 250 12.03 -23.42 -10.76
C PRO A 250 12.42 -22.16 -9.98
N ASP A 251 13.25 -22.24 -8.94
CA ASP A 251 13.77 -21.03 -8.29
C ASP A 251 14.66 -20.23 -9.26
N LEU A 252 15.05 -19.01 -8.90
CA LEU A 252 15.84 -18.11 -9.78
C LEU A 252 17.35 -18.26 -9.63
N GLY A 253 18.08 -17.65 -10.57
CA GLY A 253 19.55 -17.55 -10.54
C GLY A 253 20.26 -18.75 -9.95
N GLU A 254 21.05 -18.51 -8.91
CA GLU A 254 21.81 -19.56 -8.23
C GLU A 254 20.91 -20.67 -7.67
N ASN A 255 19.74 -20.29 -7.15
CA ASN A 255 18.82 -21.22 -6.47
C ASN A 255 18.16 -22.20 -7.43
N GLY A 256 18.12 -21.86 -8.71
CA GLY A 256 17.63 -22.75 -9.75
C GLY A 256 18.71 -23.38 -10.61
N THR A 257 19.99 -23.06 -10.36
CA THR A 257 21.10 -23.58 -11.14
C THR A 257 21.48 -24.98 -10.70
N LEU A 258 21.54 -25.92 -11.64
CA LEU A 258 21.74 -27.33 -11.34
C LEU A 258 23.18 -27.84 -11.52
N VAL A 259 23.58 -28.74 -10.61
CA VAL A 259 24.91 -29.33 -10.61
C VAL A 259 24.80 -30.84 -10.47
N TYR A 260 25.05 -31.53 -11.58
CA TYR A 260 24.95 -32.97 -11.65
C TYR A 260 26.28 -33.64 -11.32
N SER A 261 26.21 -34.83 -10.73
CA SER A 261 27.40 -35.61 -10.45
C SER A 261 27.02 -37.07 -10.35
N ILE A 262 27.99 -37.96 -10.65
CA ILE A 262 27.80 -39.40 -10.48
C ILE A 262 28.24 -39.78 -9.08
N GLN A 263 27.31 -40.32 -8.30
CA GLN A 263 27.61 -40.82 -6.97
C GLN A 263 26.89 -42.15 -6.74
N PRO A 264 27.62 -43.20 -6.34
CA PRO A 264 29.10 -43.19 -6.19
C PRO A 264 29.80 -43.15 -7.56
N PRO A 265 31.13 -42.91 -7.61
CA PRO A 265 31.83 -42.81 -8.92
C PRO A 265 31.66 -44.04 -9.84
N ASN A 266 31.79 -43.83 -11.15
CA ASN A 266 31.64 -44.90 -12.15
C ASN A 266 32.68 -44.70 -13.24
N LYS A 267 33.70 -45.55 -13.28
CA LYS A 267 34.82 -45.39 -14.22
C LYS A 267 34.46 -45.46 -15.71
N PHE A 268 33.37 -46.16 -16.06
CA PHE A 268 32.96 -46.33 -17.46
C PHE A 268 32.26 -45.13 -18.10
N TYR A 269 31.86 -44.18 -17.26
CA TYR A 269 31.09 -43.02 -17.68
C TYR A 269 31.54 -41.74 -16.97
N SER A 270 31.43 -40.62 -17.67
CA SER A 270 31.64 -39.28 -17.10
C SER A 270 30.51 -38.35 -17.58
N LEU A 271 30.01 -37.49 -16.69
CA LEU A 271 29.07 -36.45 -17.12
C LEU A 271 29.62 -35.04 -16.96
N ASN A 272 28.98 -34.14 -17.69
CA ASN A 272 29.21 -32.73 -17.58
C ASN A 272 28.32 -32.27 -16.44
N SER A 273 28.91 -31.66 -15.42
CA SER A 273 28.17 -31.26 -14.21
C SER A 273 27.18 -30.11 -14.45
N THR A 274 27.44 -29.30 -15.48
CA THR A 274 26.56 -28.18 -15.84
C THR A 274 25.48 -28.57 -16.87
N THR A 275 25.75 -29.55 -17.73
CA THR A 275 24.80 -30.03 -18.76
C THR A 275 24.01 -31.29 -18.41
N GLY A 276 24.69 -32.25 -17.79
CA GLY A 276 24.14 -33.57 -17.52
C GLY A 276 24.30 -34.50 -18.71
N LYS A 277 25.29 -34.22 -19.55
CA LYS A 277 25.51 -34.93 -20.80
C LYS A 277 26.55 -36.02 -20.52
N ILE A 278 26.12 -37.27 -20.48
CA ILE A 278 27.03 -38.39 -20.20
C ILE A 278 27.72 -38.87 -21.48
N ARG A 279 29.02 -39.10 -21.36
CA ARG A 279 29.86 -39.67 -22.42
C ARG A 279 30.54 -40.90 -21.85
N THR A 280 31.25 -41.65 -22.70
CA THR A 280 32.03 -42.80 -22.25
C THR A 280 33.44 -42.37 -21.93
N THR A 281 34.13 -43.24 -21.20
CA THR A 281 35.49 -43.01 -20.78
C THR A 281 36.41 -43.91 -21.59
N HIS A 282 37.71 -43.78 -21.35
CA HIS A 282 38.71 -44.69 -21.94
C HIS A 282 38.54 -46.13 -21.42
N ALA A 283 37.89 -46.32 -20.27
CA ALA A 283 37.49 -47.65 -19.80
C ALA A 283 36.48 -48.28 -20.78
N MET A 284 36.87 -49.38 -21.40
CA MET A 284 36.10 -49.97 -22.51
C MET A 284 35.04 -50.94 -22.02
N LEU A 285 33.95 -50.98 -22.78
CA LEU A 285 32.74 -51.68 -22.40
C LEU A 285 32.62 -53.07 -23.04
N ASP A 286 33.25 -54.06 -22.41
CA ASP A 286 33.13 -55.47 -22.81
C ASP A 286 31.81 -56.01 -22.26
N ARG A 287 30.88 -56.36 -23.16
CA ARG A 287 29.57 -56.91 -22.76
C ARG A 287 29.67 -58.24 -22.00
N GLU A 288 30.66 -59.07 -22.36
CA GLU A 288 30.90 -60.35 -21.68
C GLU A 288 32.18 -60.24 -20.82
N ASN A 289 32.13 -59.32 -19.85
CA ASN A 289 33.24 -59.02 -18.93
C ASN A 289 33.13 -59.88 -17.66
N PRO A 290 34.21 -60.60 -17.28
CA PRO A 290 34.13 -61.42 -16.06
C PRO A 290 33.55 -60.70 -14.82
N ASP A 291 34.21 -59.62 -14.38
CA ASP A 291 33.99 -59.03 -13.05
C ASP A 291 32.52 -58.66 -12.79
N PRO A 292 31.87 -59.27 -11.76
CA PRO A 292 30.47 -58.96 -11.40
C PRO A 292 30.15 -57.49 -11.08
N HIS A 293 30.86 -56.91 -10.13
CA HIS A 293 30.70 -55.50 -9.76
C HIS A 293 30.93 -54.59 -10.98
N GLU A 294 32.08 -54.78 -11.61
CA GLU A 294 32.51 -53.97 -12.75
C GLU A 294 31.52 -54.02 -13.93
N ALA A 295 30.88 -55.16 -14.12
CA ALA A 295 29.90 -55.36 -15.20
C ALA A 295 28.52 -54.77 -14.87
N GLU A 296 28.21 -54.67 -13.58
CA GLU A 296 26.92 -54.15 -13.13
C GLU A 296 26.85 -52.62 -13.32
N LEU A 297 27.96 -51.93 -13.09
CA LEU A 297 28.04 -50.48 -13.25
C LEU A 297 28.45 -50.09 -14.67
N MET A 298 28.80 -51.08 -15.47
CA MET A 298 28.92 -50.93 -16.92
C MET A 298 27.55 -50.64 -17.49
N ARG A 299 26.52 -51.20 -16.87
CA ARG A 299 25.15 -51.05 -17.35
C ARG A 299 24.18 -50.42 -16.36
N LYS A 300 24.70 -49.62 -15.42
CA LYS A 300 23.86 -48.84 -14.50
C LYS A 300 24.64 -47.67 -13.91
N ILE A 301 24.09 -46.47 -14.09
CA ILE A 301 24.70 -45.23 -13.61
C ILE A 301 23.72 -44.54 -12.70
N VAL A 302 24.13 -44.27 -11.47
CA VAL A 302 23.30 -43.52 -10.52
C VAL A 302 23.84 -42.10 -10.45
N VAL A 303 22.92 -41.14 -10.55
CA VAL A 303 23.26 -39.74 -10.61
C VAL A 303 22.48 -38.95 -9.58
N SER A 304 23.17 -38.00 -8.93
CA SER A 304 22.55 -37.07 -7.99
C SER A 304 22.57 -35.66 -8.59
N VAL A 305 21.76 -34.76 -8.02
CA VAL A 305 21.71 -33.37 -8.45
C VAL A 305 21.38 -32.38 -7.32
N THR A 306 22.17 -31.31 -7.25
CA THR A 306 22.03 -30.24 -6.27
C THR A 306 21.94 -28.89 -6.99
N ASP A 307 21.21 -27.95 -6.40
CA ASP A 307 21.23 -26.56 -6.86
C ASP A 307 22.41 -25.81 -6.21
N CYS A 308 22.57 -24.53 -6.55
CA CYS A 308 23.64 -23.70 -5.97
C CYS A 308 23.12 -22.66 -4.99
N GLY A 309 22.18 -23.05 -4.14
CA GLY A 309 21.69 -22.17 -3.10
C GLY A 309 22.62 -22.10 -1.92
N ARG A 310 22.19 -21.37 -0.89
CA ARG A 310 22.90 -21.27 0.38
C ARG A 310 21.84 -21.30 1.48
N PRO A 311 21.61 -22.44 2.15
CA PRO A 311 22.30 -23.71 1.84
C PRO A 311 21.81 -24.32 0.51
N PRO A 312 22.69 -25.02 -0.22
CA PRO A 312 22.25 -25.66 -1.46
C PRO A 312 21.35 -26.85 -1.19
N LEU A 313 20.16 -26.87 -1.79
CA LEU A 313 19.27 -28.04 -1.75
C LEU A 313 19.58 -28.99 -2.89
N LYS A 314 19.14 -30.23 -2.73
CA LYS A 314 19.34 -31.28 -3.71
C LYS A 314 18.12 -32.16 -3.79
N ALA A 315 18.02 -32.90 -4.89
CA ALA A 315 16.87 -33.77 -5.14
C ALA A 315 16.74 -34.80 -4.05
N THR A 316 15.51 -35.24 -3.80
CA THR A 316 15.25 -36.20 -2.74
C THR A 316 15.84 -37.54 -3.11
N SER A 317 15.50 -38.04 -4.30
CA SER A 317 16.06 -39.26 -4.84
C SER A 317 17.22 -38.96 -5.74
N SER A 318 18.05 -39.99 -5.94
CA SER A 318 18.94 -40.02 -7.07
C SER A 318 18.13 -40.59 -8.22
N ALA A 319 18.71 -40.57 -9.41
CA ALA A 319 18.05 -41.13 -10.58
C ALA A 319 19.00 -42.10 -11.24
N THR A 320 18.42 -43.00 -12.02
CA THR A 320 19.17 -44.06 -12.65
C THR A 320 19.07 -44.02 -14.17
N VAL A 321 20.22 -44.27 -14.80
CA VAL A 321 20.30 -44.59 -16.21
C VAL A 321 20.51 -46.09 -16.27
N PHE A 322 19.51 -46.81 -16.76
CA PHE A 322 19.61 -48.24 -17.02
C PHE A 322 20.16 -48.40 -18.43
N VAL A 323 21.40 -48.89 -18.55
CA VAL A 323 22.01 -49.13 -19.86
C VAL A 323 21.79 -50.59 -20.26
N ASN A 324 21.68 -50.81 -21.56
CA ASN A 324 21.45 -52.11 -22.13
C ASN A 324 22.49 -52.30 -23.23
N LEU A 325 23.45 -53.18 -23.00
CA LEU A 325 24.58 -53.33 -23.93
C LEU A 325 24.27 -54.25 -25.12
N LEU A 326 24.98 -54.02 -26.24
CA LEU A 326 24.71 -54.70 -27.52
C LEU A 326 26.01 -55.09 -28.25
CA CA B . -12.51 15.79 2.91
CA CA C . -13.84 22.07 4.41
CA CA D . -12.48 25.44 2.72
NA NA E . 7.52 -20.60 -3.48
CA CA F . 11.61 -19.69 -4.97
CA CA G . 16.18 -24.45 -5.53
#